data_1L2Q
#
_entry.id   1L2Q
#
_cell.length_a   158.070
_cell.length_b   158.070
_cell.length_c   135.891
_cell.angle_alpha   90.00
_cell.angle_beta   90.00
_cell.angle_gamma   120.00
#
_symmetry.space_group_name_H-M   'P 63 2 2'
#
loop_
_entity.id
_entity.type
_entity.pdbx_description
1 polymer 'monomethylamine methyltransferase'
2 non-polymer 'AMMONIUM ION'
3 water water
#
_entity_poly.entity_id   1
_entity_poly.type   'polypeptide(L)'
_entity_poly.pdbx_seq_one_letter_code
;MTFRKSFDCYDFYDRAKVGEKCTQDDWDLMKIPMKAMELKQKYGLDFKGEFIPTDKDMMEKLFKAGFEMLLECGIYCTDT
HRIVKYTEDEIWDAINNVQKEFVLGTGRDAVNVRKRSVGDKAKPIVQGGPTGSPISEDVFMPVHMSYALEKEVDTIVNGV
MTSVRGKSPIPKSPYEVLAAKTETRLIKNACAMAGRPGMGV(XPL)GPETSLSAQGNISADCTGGMTCTDSHEVSQLNEL
KIDLDAISVIAHYKGNSDIIMDEQMPIFGGYAGGIEETTIVDVATHINAVLMSSASWHLDGPVHIRWGSTNTRETLMIAG
WACATISEFTDILSGNQYYPCAGPCTEMCLLEASAQSITDTASGREILSGVASAKGVVTDKTTGMEARMMGEVARATAGV
EISEVNVILDKLVSLYEKNYASAPAGKTFQECYDVKTVTPTEEYMQVYDGARKKLEDLGLVF
;
_entity_poly.pdbx_strand_id   A
#
loop_
_chem_comp.id
_chem_comp.type
_chem_comp.name
_chem_comp.formula
NH4 non-polymer 'AMMONIUM ION' 'H4 N 1'
#
# COMPACT_ATOMS: atom_id res chain seq x y z
N THR A 2 -1.96 -14.31 31.20
CA THR A 2 -1.16 -13.35 30.40
C THR A 2 -0.37 -14.09 29.33
N PHE A 3 0.33 -13.36 28.47
CA PHE A 3 1.11 -13.98 27.40
C PHE A 3 2.49 -14.39 27.90
N ARG A 4 3.09 -15.36 27.22
CA ARG A 4 4.42 -15.82 27.60
C ARG A 4 5.46 -14.76 27.24
N LYS A 5 5.38 -14.23 26.03
CA LYS A 5 6.30 -13.20 25.57
C LYS A 5 5.66 -12.44 24.42
N SER A 6 6.10 -11.21 24.17
CA SER A 6 5.55 -10.47 23.05
C SER A 6 5.82 -11.30 21.80
N PHE A 7 4.78 -11.52 21.01
CA PHE A 7 4.88 -12.33 19.80
C PHE A 7 5.78 -11.75 18.72
N ASP A 8 6.55 -12.60 18.06
CA ASP A 8 7.41 -12.18 16.96
C ASP A 8 7.58 -13.28 15.93
N CYS A 9 8.34 -12.98 14.87
CA CYS A 9 8.58 -13.92 13.78
C CYS A 9 9.16 -15.25 14.23
N TYR A 10 9.89 -15.26 15.33
CA TYR A 10 10.48 -16.49 15.82
C TYR A 10 9.39 -17.39 16.40
N ASP A 11 8.45 -16.79 17.13
CA ASP A 11 7.34 -17.56 17.68
C ASP A 11 6.50 -18.08 16.51
N PHE A 12 6.38 -17.28 15.46
CA PHE A 12 5.60 -17.70 14.30
C PHE A 12 6.19 -18.96 13.70
N TYR A 13 7.50 -18.95 13.49
CA TYR A 13 8.17 -20.12 12.92
C TYR A 13 7.93 -21.35 13.79
N ASP A 14 8.13 -21.18 15.09
CA ASP A 14 7.92 -22.28 16.04
C ASP A 14 6.54 -22.89 15.85
N ARG A 15 5.52 -22.04 15.87
CA ARG A 15 4.14 -22.50 15.72
C ARG A 15 3.81 -23.03 14.34
N ALA A 16 4.41 -22.46 13.30
CA ALA A 16 4.15 -22.91 11.94
C ALA A 16 4.60 -24.34 11.71
N LYS A 17 5.57 -24.79 12.51
CA LYS A 17 6.09 -26.15 12.36
C LYS A 17 5.25 -27.21 13.05
N VAL A 18 4.47 -26.81 14.06
CA VAL A 18 3.66 -27.77 14.80
C VAL A 18 2.16 -27.46 14.87
N GLY A 19 1.74 -26.43 14.14
CA GLY A 19 0.33 -26.05 14.16
C GLY A 19 -0.59 -27.04 13.48
N GLU A 20 -1.89 -26.80 13.58
CA GLU A 20 -2.91 -27.65 12.97
C GLU A 20 -2.64 -27.84 11.48
N LYS A 21 -2.59 -29.08 11.03
CA LYS A 21 -2.37 -29.37 9.61
C LYS A 21 -3.63 -28.98 8.87
N CYS A 22 -3.48 -28.38 7.70
CA CYS A 22 -4.61 -27.92 6.92
C CYS A 22 -4.22 -27.72 5.46
N THR A 23 -5.05 -28.18 4.52
CA THR A 23 -4.74 -27.98 3.11
C THR A 23 -5.02 -26.52 2.80
N GLN A 24 -4.38 -25.98 1.77
CA GLN A 24 -4.59 -24.58 1.44
C GLN A 24 -6.03 -24.36 0.97
N ASP A 25 -6.62 -25.38 0.34
CA ASP A 25 -8.00 -25.25 -0.12
C ASP A 25 -8.95 -25.19 1.07
N ASP A 26 -8.65 -25.96 2.12
CA ASP A 26 -9.48 -25.95 3.31
C ASP A 26 -9.45 -24.55 3.92
N TRP A 27 -8.31 -23.86 3.75
CA TRP A 27 -8.17 -22.51 4.27
C TRP A 27 -8.89 -21.49 3.40
N ASP A 28 -8.56 -21.46 2.11
CA ASP A 28 -9.14 -20.50 1.17
C ASP A 28 -10.62 -20.68 0.85
N LEU A 29 -11.05 -21.93 0.70
CA LEU A 29 -12.42 -22.22 0.33
C LEU A 29 -13.36 -22.56 1.47
N MET A 30 -12.85 -22.56 2.70
CA MET A 30 -13.71 -22.90 3.84
C MET A 30 -13.50 -22.06 5.09
N LYS A 31 -12.36 -22.25 5.76
CA LYS A 31 -12.11 -21.52 7.00
C LYS A 31 -12.23 -20.00 6.90
N ILE A 32 -11.58 -19.40 5.91
CA ILE A 32 -11.64 -17.95 5.77
C ILE A 32 -13.02 -17.42 5.38
N PRO A 33 -13.59 -17.92 4.26
CA PRO A 33 -14.92 -17.43 3.89
C PRO A 33 -16.00 -17.68 4.95
N MET A 34 -15.90 -18.81 5.65
CA MET A 34 -16.89 -19.12 6.70
C MET A 34 -16.82 -18.12 7.84
N LYS A 35 -15.62 -17.83 8.31
CA LYS A 35 -15.46 -16.90 9.42
C LYS A 35 -15.86 -15.47 9.06
N ALA A 36 -15.48 -15.03 7.86
CA ALA A 36 -15.82 -13.67 7.43
C ALA A 36 -17.33 -13.55 7.35
N MET A 37 -17.97 -14.58 6.81
CA MET A 37 -19.42 -14.61 6.65
C MET A 37 -20.08 -14.60 8.03
N GLU A 38 -19.55 -15.42 8.93
CA GLU A 38 -20.08 -15.53 10.28
C GLU A 38 -20.00 -14.23 11.05
N LEU A 39 -18.83 -13.58 11.02
CA LEU A 39 -18.66 -12.34 11.74
C LEU A 39 -19.44 -11.17 11.14
N LYS A 40 -19.60 -11.16 9.82
CA LYS A 40 -20.36 -10.09 9.19
C LYS A 40 -21.79 -10.10 9.72
N GLN A 41 -22.41 -11.28 9.71
CA GLN A 41 -23.78 -11.41 10.17
C GLN A 41 -23.93 -11.24 11.68
N LYS A 42 -23.05 -11.86 12.45
CA LYS A 42 -23.12 -11.75 13.90
C LYS A 42 -23.04 -10.30 14.36
N TYR A 43 -22.20 -9.50 13.71
CA TYR A 43 -22.07 -8.09 14.08
C TYR A 43 -22.98 -7.18 13.26
N GLY A 44 -23.74 -7.78 12.34
CA GLY A 44 -24.65 -7.00 11.51
C GLY A 44 -23.98 -5.88 10.73
N LEU A 45 -22.80 -6.16 10.18
CA LEU A 45 -22.07 -5.15 9.42
C LEU A 45 -22.76 -4.78 8.12
N ASP A 46 -23.00 -3.48 7.95
CA ASP A 46 -23.63 -2.93 6.76
C ASP A 46 -23.06 -1.53 6.59
N PHE A 47 -22.26 -1.33 5.54
CA PHE A 47 -21.63 -0.03 5.29
C PHE A 47 -22.56 1.01 4.66
N LYS A 48 -23.74 0.56 4.25
CA LYS A 48 -24.75 1.44 3.66
C LYS A 48 -24.24 2.45 2.62
N GLY A 49 -23.42 2.00 1.69
CA GLY A 49 -22.92 2.86 0.64
C GLY A 49 -21.88 3.92 0.97
N GLU A 50 -21.49 4.06 2.23
CA GLU A 50 -20.50 5.06 2.60
C GLU A 50 -19.08 4.61 2.29
N PHE A 51 -18.26 5.55 1.81
CA PHE A 51 -16.86 5.25 1.52
C PHE A 51 -16.09 5.37 2.84
N ILE A 52 -16.45 6.38 3.62
CA ILE A 52 -15.83 6.63 4.91
C ILE A 52 -16.96 6.64 5.94
N PRO A 53 -16.89 5.76 6.93
CA PRO A 53 -17.93 5.66 7.98
C PRO A 53 -18.12 6.88 8.87
N THR A 54 -19.38 7.09 9.26
CA THR A 54 -19.76 8.18 10.14
C THR A 54 -20.52 7.58 11.33
N ASP A 55 -20.63 6.25 11.34
CA ASP A 55 -21.32 5.52 12.41
C ASP A 55 -20.25 4.83 13.26
N LYS A 56 -19.88 5.44 14.39
CA LYS A 56 -18.86 4.85 15.24
C LYS A 56 -19.25 3.51 15.84
N ASP A 57 -20.54 3.28 16.03
CA ASP A 57 -20.98 2.00 16.58
C ASP A 57 -20.68 0.88 15.58
N MET A 58 -20.95 1.14 14.30
CA MET A 58 -20.70 0.16 13.25
C MET A 58 -19.19 -0.05 13.12
N MET A 59 -18.44 1.02 13.31
CA MET A 59 -16.99 0.95 13.22
C MET A 59 -16.43 0.07 14.33
N GLU A 60 -16.97 0.21 15.54
CA GLU A 60 -16.51 -0.60 16.65
C GLU A 60 -16.82 -2.06 16.41
N LYS A 61 -17.97 -2.34 15.81
CA LYS A 61 -18.33 -3.73 15.52
C LYS A 61 -17.38 -4.28 14.46
N LEU A 62 -16.97 -3.44 13.51
CA LEU A 62 -16.04 -3.87 12.48
C LEU A 62 -14.69 -4.19 13.10
N PHE A 63 -14.28 -3.37 14.07
CA PHE A 63 -13.00 -3.61 14.74
C PHE A 63 -13.03 -4.94 15.47
N LYS A 64 -14.10 -5.16 16.23
CA LYS A 64 -14.24 -6.41 16.98
C LYS A 64 -14.26 -7.61 16.04
N ALA A 65 -14.91 -7.45 14.89
CA ALA A 65 -14.98 -8.53 13.90
C ALA A 65 -13.59 -8.85 13.34
N GLY A 66 -12.83 -7.81 13.02
CA GLY A 66 -11.49 -8.01 12.49
C GLY A 66 -10.58 -8.69 13.50
N PHE A 67 -10.68 -8.25 14.76
CA PHE A 67 -9.88 -8.82 15.84
C PHE A 67 -10.24 -10.30 15.98
N GLU A 68 -11.55 -10.57 16.00
CA GLU A 68 -12.02 -11.94 16.17
C GLU A 68 -11.67 -12.83 14.97
N MET A 69 -11.64 -12.25 13.78
CA MET A 69 -11.28 -13.00 12.58
C MET A 69 -9.85 -13.52 12.78
N LEU A 70 -8.95 -12.62 13.17
CA LEU A 70 -7.56 -12.99 13.39
C LEU A 70 -7.39 -13.99 14.53
N LEU A 71 -8.09 -13.75 15.64
CA LEU A 71 -8.02 -14.62 16.81
C LEU A 71 -8.54 -16.04 16.58
N GLU A 72 -9.68 -16.13 15.92
CA GLU A 72 -10.29 -17.44 15.69
C GLU A 72 -9.72 -18.24 14.52
N CYS A 73 -9.25 -17.54 13.48
CA CYS A 73 -8.68 -18.23 12.32
C CYS A 73 -7.19 -18.48 12.46
N GLY A 74 -6.45 -17.42 12.76
CA GLY A 74 -5.00 -17.53 12.85
C GLY A 74 -4.44 -17.24 11.48
N ILE A 75 -3.18 -17.65 11.25
CA ILE A 75 -2.52 -17.42 9.98
C ILE A 75 -2.04 -18.73 9.36
N TYR A 76 -2.32 -18.91 8.08
CA TYR A 76 -1.92 -20.12 7.37
C TYR A 76 -0.49 -19.95 6.83
N CYS A 77 0.35 -20.94 7.10
CA CYS A 77 1.73 -20.92 6.61
C CYS A 77 1.80 -21.83 5.40
N THR A 78 2.06 -21.25 4.23
CA THR A 78 2.11 -22.01 2.99
C THR A 78 3.16 -23.12 2.93
N ASP A 79 4.35 -22.85 3.45
CA ASP A 79 5.44 -23.83 3.42
C ASP A 79 5.23 -25.07 4.29
N THR A 80 4.61 -24.89 5.45
CA THR A 80 4.39 -26.02 6.36
C THR A 80 2.98 -26.56 6.29
N HIS A 81 2.10 -25.85 5.59
CA HIS A 81 0.69 -26.27 5.48
C HIS A 81 0.07 -26.45 6.86
N ARG A 82 0.40 -25.54 7.76
CA ARG A 82 -0.14 -25.59 9.12
C ARG A 82 -0.61 -24.19 9.52
N ILE A 83 -1.49 -24.15 10.51
CA ILE A 83 -2.06 -22.89 11.00
C ILE A 83 -1.41 -22.40 12.29
N VAL A 84 -1.06 -21.11 12.31
CA VAL A 84 -0.47 -20.51 13.50
C VAL A 84 -1.58 -19.75 14.23
N LYS A 85 -1.74 -20.02 15.51
CA LYS A 85 -2.77 -19.36 16.32
C LYS A 85 -2.17 -18.41 17.35
N TYR A 86 -2.87 -17.29 17.58
CA TYR A 86 -2.47 -16.30 18.57
C TYR A 86 -3.45 -16.38 19.72
N THR A 87 -3.07 -15.82 20.87
CA THR A 87 -3.99 -15.79 22.01
C THR A 87 -4.49 -14.34 22.04
N GLU A 88 -5.60 -14.13 22.71
CA GLU A 88 -6.18 -12.80 22.81
C GLU A 88 -5.18 -11.83 23.47
N ASP A 89 -4.50 -12.30 24.51
CA ASP A 89 -3.53 -11.46 25.21
C ASP A 89 -2.35 -11.06 24.31
N GLU A 90 -1.91 -11.99 23.46
CA GLU A 90 -0.79 -11.70 22.57
C GLU A 90 -1.18 -10.62 21.56
N ILE A 91 -2.40 -10.71 21.05
CA ILE A 91 -2.86 -9.73 20.08
C ILE A 91 -2.94 -8.34 20.71
N TRP A 92 -3.50 -8.26 21.92
CA TRP A 92 -3.60 -6.97 22.60
C TRP A 92 -2.23 -6.38 22.94
N ASP A 93 -1.28 -7.22 23.30
CA ASP A 93 0.06 -6.74 23.62
C ASP A 93 0.65 -6.07 22.37
N ALA A 94 0.36 -6.64 21.20
CA ALA A 94 0.85 -6.07 19.95
C ALA A 94 0.15 -4.76 19.62
N ILE A 95 -1.17 -4.75 19.74
CA ILE A 95 -1.94 -3.53 19.45
C ILE A 95 -1.64 -2.41 20.45
N ASN A 96 -1.44 -2.78 21.71
CA ASN A 96 -1.17 -1.80 22.76
C ASN A 96 0.24 -1.21 22.70
N ASN A 97 1.11 -1.78 21.89
CA ASN A 97 2.48 -1.29 21.80
C ASN A 97 2.98 -1.20 20.36
N VAL A 98 2.43 -0.25 19.63
CA VAL A 98 2.82 -0.04 18.24
C VAL A 98 3.77 1.14 18.14
N GLN A 99 4.40 1.28 16.98
CA GLN A 99 5.32 2.40 16.77
C GLN A 99 4.48 3.66 16.70
N LYS A 100 4.78 4.63 17.57
CA LYS A 100 4.02 5.87 17.62
C LYS A 100 4.27 6.78 16.41
N GLU A 101 5.53 6.90 16.03
CA GLU A 101 5.91 7.76 14.91
C GLU A 101 7.32 7.38 14.47
N PHE A 102 7.75 7.93 13.34
CA PHE A 102 9.09 7.66 12.84
C PHE A 102 9.47 8.67 11.76
N VAL A 103 10.75 8.68 11.41
CA VAL A 103 11.26 9.59 10.41
C VAL A 103 11.75 8.82 9.18
N LEU A 104 11.42 9.34 8.00
CA LEU A 104 11.86 8.73 6.75
C LEU A 104 12.82 9.70 6.09
N GLY A 105 13.87 9.19 5.47
CA GLY A 105 14.83 10.06 4.82
C GLY A 105 15.84 10.65 5.79
N THR A 106 16.74 11.47 5.26
CA THR A 106 17.79 12.09 6.08
C THR A 106 18.03 13.54 5.70
N GLY A 107 18.79 14.24 6.54
CA GLY A 107 19.12 15.63 6.28
C GLY A 107 17.91 16.53 6.09
N ARG A 108 18.07 17.54 5.24
CA ARG A 108 17.00 18.48 4.96
C ARG A 108 15.78 17.79 4.37
N ASP A 109 16.00 16.68 3.68
CA ASP A 109 14.94 15.96 3.01
C ASP A 109 14.11 14.98 3.84
N ALA A 110 14.45 14.82 5.11
CA ALA A 110 13.72 13.90 5.97
C ALA A 110 12.31 14.41 6.29
N VAL A 111 11.40 13.49 6.55
CA VAL A 111 10.03 13.85 6.90
C VAL A 111 9.54 13.01 8.08
N ASN A 112 8.72 13.62 8.93
CA ASN A 112 8.16 12.93 10.09
C ASN A 112 6.83 12.29 9.74
N VAL A 113 6.63 11.07 10.24
CA VAL A 113 5.38 10.37 10.02
C VAL A 113 4.71 10.21 11.38
N ARG A 114 3.61 10.93 11.57
CA ARG A 114 2.86 10.89 12.82
C ARG A 114 1.41 10.51 12.52
N LYS A 115 0.70 10.04 13.53
CA LYS A 115 -0.69 9.61 13.33
C LYS A 115 -1.65 10.70 12.85
N ARG A 116 -2.55 10.31 11.95
CA ARG A 116 -3.58 11.20 11.43
C ARG A 116 -4.92 10.62 11.86
N SER A 117 -5.91 11.48 12.03
CA SER A 117 -7.25 11.05 12.42
C SER A 117 -8.13 11.14 11.18
N VAL A 118 -9.35 10.60 11.29
CA VAL A 118 -10.29 10.68 10.19
C VAL A 118 -10.59 12.17 9.97
N GLY A 119 -10.54 12.61 8.72
CA GLY A 119 -10.82 14.00 8.40
C GLY A 119 -9.78 14.99 8.87
N ASP A 120 -8.60 14.49 9.26
CA ASP A 120 -7.51 15.33 9.76
C ASP A 120 -7.14 16.47 8.81
N LYS A 121 -6.85 17.64 9.39
CA LYS A 121 -6.45 18.80 8.60
C LYS A 121 -5.02 18.62 8.09
N ALA A 122 -4.27 17.74 8.76
CA ALA A 122 -2.89 17.47 8.36
C ALA A 122 -2.91 16.64 7.08
N LYS A 123 -1.96 16.93 6.19
CA LYS A 123 -1.86 16.22 4.92
C LYS A 123 -1.02 14.96 5.07
N PRO A 124 -1.44 13.85 4.45
CA PRO A 124 -0.63 12.65 4.59
C PRO A 124 0.68 12.76 3.82
N ILE A 125 1.59 11.85 4.10
CA ILE A 125 2.87 11.80 3.42
C ILE A 125 2.60 11.30 2.00
N VAL A 126 3.24 11.94 1.02
CA VAL A 126 3.07 11.53 -0.37
C VAL A 126 4.29 10.73 -0.80
N GLN A 127 4.10 9.42 -0.94
CA GLN A 127 5.17 8.52 -1.35
C GLN A 127 4.95 8.23 -2.83
N GLY A 128 5.68 8.96 -3.68
CA GLY A 128 5.51 8.79 -5.11
C GLY A 128 6.58 7.98 -5.81
N GLY A 129 6.16 7.23 -6.83
CA GLY A 129 7.11 6.44 -7.58
C GLY A 129 6.40 5.47 -8.51
N PRO A 130 7.15 4.68 -9.28
CA PRO A 130 6.58 3.71 -10.22
C PRO A 130 5.76 2.66 -9.47
N THR A 131 5.89 2.64 -8.15
CA THR A 131 5.13 1.73 -7.32
C THR A 131 5.24 0.27 -7.78
N GLY A 132 6.48 -0.19 -7.89
CA GLY A 132 6.75 -1.57 -8.28
C GLY A 132 6.53 -1.93 -9.73
N SER A 133 6.17 -0.94 -10.54
CA SER A 133 5.95 -1.18 -11.96
C SER A 133 7.28 -1.43 -12.67
N PRO A 134 7.26 -2.20 -13.77
CA PRO A 134 8.48 -2.48 -14.52
C PRO A 134 8.99 -1.24 -15.25
N ILE A 135 10.26 -0.91 -15.03
CA ILE A 135 10.88 0.24 -15.66
C ILE A 135 12.14 -0.18 -16.39
N SER A 136 12.30 0.28 -17.63
CA SER A 136 13.46 -0.05 -18.43
C SER A 136 14.73 0.46 -17.76
N GLU A 137 15.79 -0.34 -17.81
CA GLU A 137 17.04 0.03 -17.19
C GLU A 137 17.60 1.37 -17.69
N ASP A 138 17.53 1.63 -18.99
CA ASP A 138 18.07 2.88 -19.52
C ASP A 138 17.37 4.16 -19.11
N VAL A 139 16.23 4.05 -18.44
CA VAL A 139 15.52 5.24 -17.97
C VAL A 139 15.16 5.11 -16.51
N PHE A 140 15.78 4.16 -15.81
CA PHE A 140 15.47 3.95 -14.40
C PHE A 140 15.65 5.22 -13.58
N MET A 141 16.78 5.90 -13.74
CA MET A 141 17.00 7.12 -12.97
C MET A 141 16.05 8.25 -13.37
N PRO A 142 15.94 8.55 -14.68
CA PRO A 142 15.04 9.62 -15.13
C PRO A 142 13.60 9.44 -14.63
N VAL A 143 13.08 8.23 -14.75
CA VAL A 143 11.71 7.96 -14.31
C VAL A 143 11.54 8.28 -12.83
N HIS A 144 12.47 7.86 -11.99
CA HIS A 144 12.34 8.13 -10.57
C HIS A 144 12.59 9.61 -10.28
N MET A 145 13.43 10.24 -11.08
CA MET A 145 13.70 11.66 -10.89
C MET A 145 12.42 12.47 -11.14
N SER A 146 11.54 11.96 -12.00
CA SER A 146 10.30 12.67 -12.30
C SER A 146 9.42 12.79 -11.05
N TYR A 147 9.68 11.96 -10.04
CA TYR A 147 8.92 12.04 -8.81
C TYR A 147 9.62 12.95 -7.82
N ALA A 148 10.95 12.81 -7.73
CA ALA A 148 11.74 13.63 -6.82
C ALA A 148 11.66 15.10 -7.18
N LEU A 149 11.47 15.40 -8.46
CA LEU A 149 11.37 16.78 -8.92
C LEU A 149 10.06 17.46 -8.52
N GLU A 150 9.10 16.66 -8.06
CA GLU A 150 7.80 17.19 -7.63
C GLU A 150 7.83 17.51 -6.14
N LYS A 151 7.60 18.77 -5.77
CA LYS A 151 7.59 19.13 -4.36
C LYS A 151 6.45 18.42 -3.61
N GLU A 152 5.44 17.98 -4.35
CA GLU A 152 4.31 17.26 -3.77
C GLU A 152 4.77 15.94 -3.15
N VAL A 153 5.81 15.35 -3.75
CA VAL A 153 6.34 14.07 -3.29
C VAL A 153 7.32 14.20 -2.13
N ASP A 154 7.12 13.39 -1.09
CA ASP A 154 7.96 13.41 0.11
C ASP A 154 8.99 12.28 0.15
N THR A 155 8.57 11.09 -0.26
CA THR A 155 9.44 9.92 -0.29
C THR A 155 9.20 9.21 -1.62
N ILE A 156 10.05 8.23 -1.95
CA ILE A 156 9.94 7.50 -3.20
C ILE A 156 9.56 6.04 -3.00
N VAL A 157 8.65 5.53 -3.82
CA VAL A 157 8.33 4.10 -3.77
C VAL A 157 8.96 3.56 -5.04
N ASN A 158 9.94 2.66 -4.85
CA ASN A 158 10.71 2.09 -5.94
C ASN A 158 9.99 1.34 -7.05
N GLY A 159 10.53 1.46 -8.26
CA GLY A 159 9.99 0.74 -9.40
C GLY A 159 10.84 -0.53 -9.49
N VAL A 160 10.54 -1.36 -10.49
CA VAL A 160 11.26 -2.62 -10.69
C VAL A 160 12.14 -2.53 -11.93
N MET A 161 13.41 -2.88 -11.79
CA MET A 161 14.34 -2.86 -12.93
C MET A 161 14.05 -4.06 -13.82
N THR A 162 13.73 -3.81 -15.10
CA THR A 162 13.45 -4.94 -15.99
C THR A 162 14.75 -5.66 -16.34
N SER A 163 15.87 -4.97 -16.13
CA SER A 163 17.19 -5.55 -16.37
C SER A 163 18.24 -4.79 -15.59
N VAL A 164 19.35 -5.46 -15.29
CA VAL A 164 20.47 -4.83 -14.61
C VAL A 164 21.70 -5.34 -15.37
N ARG A 165 22.49 -4.41 -15.87
CA ARG A 165 23.64 -4.75 -16.69
C ARG A 165 23.16 -5.57 -17.89
N GLY A 166 21.99 -5.22 -18.38
CA GLY A 166 21.39 -5.88 -19.53
C GLY A 166 20.85 -7.29 -19.33
N LYS A 167 20.78 -7.74 -18.09
CA LYS A 167 20.29 -9.08 -17.78
C LYS A 167 19.07 -9.05 -16.85
N SER A 168 18.18 -10.03 -17.03
CA SER A 168 16.99 -10.11 -16.19
C SER A 168 17.39 -10.51 -14.78
N PRO A 169 16.86 -9.81 -13.76
CA PRO A 169 17.18 -10.11 -12.37
C PRO A 169 16.42 -11.34 -11.86
N ILE A 170 16.65 -12.48 -12.50
CA ILE A 170 15.99 -13.72 -12.16
C ILE A 170 16.14 -14.07 -10.68
N PRO A 171 15.03 -14.43 -10.01
CA PRO A 171 15.10 -14.78 -8.58
C PRO A 171 16.13 -15.87 -8.32
N LYS A 172 16.91 -15.69 -7.26
CA LYS A 172 17.95 -16.61 -6.83
C LYS A 172 19.17 -16.68 -7.76
N SER A 173 19.32 -15.66 -8.61
CA SER A 173 20.47 -15.57 -9.50
C SER A 173 21.26 -14.40 -8.91
N PRO A 174 22.55 -14.26 -9.26
CA PRO A 174 23.31 -13.15 -8.71
C PRO A 174 22.78 -11.80 -9.18
N TYR A 175 22.10 -11.80 -10.32
CA TYR A 175 21.53 -10.56 -10.85
C TYR A 175 20.43 -10.01 -9.94
N GLU A 176 19.76 -10.90 -9.21
CA GLU A 176 18.72 -10.45 -8.30
C GLU A 176 19.34 -9.67 -7.16
N VAL A 177 20.48 -10.16 -6.67
CA VAL A 177 21.20 -9.49 -5.60
C VAL A 177 21.70 -8.15 -6.12
N LEU A 178 22.29 -8.16 -7.31
CA LEU A 178 22.79 -6.93 -7.91
C LEU A 178 21.68 -5.89 -8.05
N ALA A 179 20.50 -6.34 -8.49
CA ALA A 179 19.38 -5.42 -8.65
C ALA A 179 18.87 -4.89 -7.31
N ALA A 180 18.82 -5.78 -6.31
CA ALA A 180 18.34 -5.39 -4.99
C ALA A 180 19.16 -4.22 -4.42
N LYS A 181 20.47 -4.29 -4.58
CA LYS A 181 21.34 -3.23 -4.08
C LYS A 181 21.32 -2.02 -5.00
N THR A 182 21.43 -2.28 -6.31
CA THR A 182 21.48 -1.22 -7.32
C THR A 182 20.23 -0.35 -7.40
N GLU A 183 19.07 -0.99 -7.29
CA GLU A 183 17.79 -0.31 -7.35
C GLU A 183 17.75 0.98 -6.54
N THR A 184 17.97 0.88 -5.23
CA THR A 184 17.94 2.07 -4.39
C THR A 184 19.14 2.97 -4.58
N ARG A 185 20.29 2.40 -4.92
CA ARG A 185 21.48 3.22 -5.15
C ARG A 185 21.19 4.19 -6.29
N LEU A 186 20.61 3.68 -7.38
CA LEU A 186 20.28 4.51 -8.53
C LEU A 186 19.19 5.52 -8.20
N ILE A 187 18.18 5.07 -7.46
CA ILE A 187 17.07 5.94 -7.10
C ILE A 187 17.53 7.09 -6.21
N LYS A 188 18.37 6.82 -5.22
CA LYS A 188 18.83 7.90 -4.36
C LYS A 188 19.72 8.86 -5.15
N ASN A 189 20.37 8.35 -6.19
CA ASN A 189 21.21 9.22 -7.04
C ASN A 189 20.29 10.13 -7.85
N ALA A 190 19.14 9.60 -8.24
CA ALA A 190 18.17 10.39 -9.00
C ALA A 190 17.63 11.48 -8.08
N CYS A 191 17.38 11.13 -6.82
CA CYS A 191 16.87 12.11 -5.86
C CYS A 191 17.91 13.21 -5.65
N ALA A 192 19.18 12.83 -5.57
CA ALA A 192 20.25 13.81 -5.39
C ALA A 192 20.30 14.77 -6.57
N MET A 193 20.10 14.25 -7.78
CA MET A 193 20.12 15.08 -8.97
C MET A 193 18.95 16.06 -8.96
N ALA A 194 17.89 15.71 -8.24
CA ALA A 194 16.71 16.57 -8.12
C ALA A 194 16.91 17.55 -6.96
N GLY A 195 18.09 17.53 -6.37
CA GLY A 195 18.39 18.42 -5.25
C GLY A 195 17.85 17.94 -3.91
N ARG A 196 17.58 16.64 -3.80
CA ARG A 196 17.03 16.08 -2.57
C ARG A 196 17.70 14.74 -2.28
N PRO A 197 19.01 14.77 -1.98
CA PRO A 197 19.84 13.59 -1.68
C PRO A 197 19.33 12.68 -0.57
N GLY A 198 18.67 13.27 0.42
CA GLY A 198 18.20 12.49 1.55
C GLY A 198 16.77 11.95 1.52
N MET A 199 16.12 11.97 0.36
CA MET A 199 14.75 11.46 0.31
C MET A 199 14.68 9.98 0.69
N GLY A 200 13.71 9.64 1.53
CA GLY A 200 13.56 8.25 1.92
C GLY A 200 12.89 7.46 0.81
N VAL A 201 13.09 6.15 0.79
CA VAL A 201 12.48 5.32 -0.24
C VAL A 201 11.73 4.16 0.42
C XPL A 202 10.68 1.07 -0.90
N XPL A 202 11.05 3.36 -0.41
O XPL A 202 10.51 1.22 -2.11
CA XPL A 202 10.34 2.19 0.08
CB XPL A 202 8.83 2.42 0.11
CD XPL A 202 7.53 0.24 -0.21
CE XPL A 202 6.16 0.64 -0.77
CG XPL A 202 8.05 1.28 0.78
NZ XPL A 202 5.52 -0.45 -1.59
C2 XPL A 202 4.39 -0.31 -2.29
N2 XPL A 202 3.48 -2.54 -2.43
O2 XPL A 202 3.86 0.77 -2.45
N3 XPL A 202 2.53 -4.32 -3.76
CA2 XPL A 202 4.14 -1.50 -3.22
CB2 XPL A 202 5.94 -1.28 -4.99
CD2 XPL A 202 4.60 -3.28 -4.61
CE2 XPL A 202 3.78 -3.67 -3.33
CG2 XPL A 202 5.32 -2.14 -3.95
CA PYL A 202 10.34 2.19 0.08
C PYL A 202 10.68 1.07 -0.90
N PYL A 202 11.05 3.36 -0.41
N GLY A 203 11.18 -0.04 -0.36
CA GLY A 203 11.55 -1.17 -1.19
C GLY A 203 11.98 -2.31 -0.27
N PRO A 204 12.73 -3.31 -0.78
CA PRO A 204 13.19 -3.45 -2.15
C PRO A 204 12.07 -4.00 -3.03
N GLU A 205 12.11 -3.69 -4.33
CA GLU A 205 11.05 -4.15 -5.22
C GLU A 205 11.45 -5.13 -6.32
N THR A 206 12.63 -4.96 -6.89
CA THR A 206 13.06 -5.85 -7.98
C THR A 206 13.31 -7.28 -7.52
N SER A 207 13.80 -7.45 -6.30
CA SER A 207 14.06 -8.78 -5.76
C SER A 207 12.76 -9.42 -5.29
N LEU A 208 12.70 -10.75 -5.38
CA LEU A 208 11.50 -11.48 -4.98
C LEU A 208 11.78 -12.56 -3.93
N SER A 209 12.99 -13.11 -3.94
CA SER A 209 13.36 -14.15 -2.99
C SER A 209 13.84 -13.53 -1.68
N ALA A 210 13.90 -14.36 -0.64
CA ALA A 210 14.36 -13.89 0.67
C ALA A 210 15.81 -13.41 0.57
N GLN A 211 16.66 -14.19 -0.10
CA GLN A 211 18.05 -13.81 -0.22
C GLN A 211 18.21 -12.49 -0.98
N GLY A 212 17.38 -12.27 -1.99
CA GLY A 212 17.47 -11.04 -2.75
C GLY A 212 17.03 -9.84 -1.92
N ASN A 213 15.91 -10.00 -1.21
CA ASN A 213 15.38 -8.93 -0.36
C ASN A 213 16.36 -8.58 0.76
N ILE A 214 16.96 -9.61 1.36
CA ILE A 214 17.90 -9.40 2.46
C ILE A 214 19.20 -8.70 2.05
N SER A 215 19.55 -8.80 0.77
CA SER A 215 20.78 -8.16 0.28
C SER A 215 20.60 -6.67 -0.02
N ALA A 216 19.36 -6.20 0.03
CA ALA A 216 19.07 -4.80 -0.30
C ALA A 216 19.69 -3.73 0.60
N ASP A 217 19.87 -4.01 1.88
CA ASP A 217 20.49 -3.03 2.77
C ASP A 217 21.96 -2.92 2.42
N CYS A 218 22.42 -1.73 2.07
CA CYS A 218 23.82 -1.55 1.69
C CYS A 218 24.19 -0.06 1.64
N THR A 219 25.48 0.22 1.66
CA THR A 219 25.95 1.60 1.60
C THR A 219 25.51 2.25 0.30
N GLY A 220 24.90 3.43 0.41
CA GLY A 220 24.42 4.12 -0.78
C GLY A 220 23.04 3.63 -1.19
N GLY A 221 22.63 2.49 -0.63
CA GLY A 221 21.34 1.92 -0.96
C GLY A 221 20.35 2.06 0.19
N MET A 222 19.54 1.02 0.42
CA MET A 222 18.57 1.08 1.49
C MET A 222 19.24 1.12 2.86
N THR A 223 18.68 1.92 3.76
CA THR A 223 19.22 2.06 5.10
C THR A 223 18.06 2.11 6.11
N CYS A 224 18.36 2.25 7.39
CA CYS A 224 17.29 2.21 8.39
C CYS A 224 16.24 3.31 8.30
N THR A 225 16.56 4.39 7.60
CA THR A 225 15.61 5.48 7.42
C THR A 225 14.67 5.31 6.23
N ASP A 226 14.69 4.13 5.61
CA ASP A 226 13.81 3.80 4.48
C ASP A 226 12.79 2.76 4.95
N SER A 227 11.66 2.68 4.27
CA SER A 227 10.63 1.70 4.63
C SER A 227 11.00 0.38 3.96
N HIS A 228 11.06 -0.68 4.77
CA HIS A 228 11.41 -2.01 4.29
C HIS A 228 10.17 -2.88 4.17
N GLU A 229 9.90 -3.29 2.94
CA GLU A 229 8.71 -4.06 2.64
C GLU A 229 8.73 -5.56 2.82
N VAL A 230 7.69 -6.06 3.47
CA VAL A 230 7.49 -7.50 3.65
C VAL A 230 6.02 -7.67 3.26
N SER A 231 5.72 -8.69 2.46
CA SER A 231 4.35 -8.90 1.98
C SER A 231 3.58 -10.07 2.56
N GLN A 232 2.37 -9.81 3.04
CA GLN A 232 1.52 -10.88 3.55
C GLN A 232 0.85 -11.45 2.31
N LEU A 233 0.34 -12.67 2.41
CA LEU A 233 -0.34 -13.29 1.27
C LEU A 233 -1.85 -13.19 1.42
N ASN A 234 -2.60 -13.80 0.51
CA ASN A 234 -4.06 -13.74 0.55
C ASN A 234 -4.70 -15.08 0.87
N GLU A 235 -5.49 -15.20 1.94
CA GLU A 235 -5.79 -14.12 2.89
C GLU A 235 -5.39 -14.69 4.26
N LEU A 236 -4.88 -13.84 5.15
CA LEU A 236 -4.42 -14.29 6.49
C LEU A 236 -3.51 -15.49 6.23
N LYS A 237 -2.45 -15.21 5.48
CA LYS A 237 -1.51 -16.24 5.04
C LYS A 237 -0.11 -15.66 4.87
N ILE A 238 0.91 -16.49 5.03
CA ILE A 238 2.29 -16.04 4.89
C ILE A 238 3.21 -17.20 4.53
N ASP A 239 4.35 -16.90 3.92
CA ASP A 239 5.33 -17.92 3.57
C ASP A 239 6.55 -17.72 4.46
N LEU A 240 7.35 -18.75 4.64
CA LEU A 240 8.52 -18.65 5.51
C LEU A 240 9.58 -17.66 5.03
N ASP A 241 9.63 -17.40 3.72
CA ASP A 241 10.60 -16.44 3.20
C ASP A 241 10.41 -15.10 3.90
N ALA A 242 9.15 -14.66 3.96
CA ALA A 242 8.81 -13.39 4.59
C ALA A 242 9.21 -13.38 6.07
N ILE A 243 9.02 -14.51 6.74
CA ILE A 243 9.36 -14.61 8.15
C ILE A 243 10.85 -14.38 8.39
N SER A 244 11.70 -14.90 7.49
CA SER A 244 13.15 -14.70 7.62
C SER A 244 13.52 -13.26 7.27
N VAL A 245 12.81 -12.68 6.30
CA VAL A 245 13.10 -11.30 5.91
C VAL A 245 12.77 -10.38 7.09
N ILE A 246 11.69 -10.69 7.80
CA ILE A 246 11.30 -9.90 8.96
C ILE A 246 12.40 -9.95 10.02
N ALA A 247 12.94 -11.13 10.27
CA ALA A 247 14.01 -11.28 11.25
C ALA A 247 15.19 -10.41 10.88
N HIS A 248 15.46 -10.34 9.57
CA HIS A 248 16.57 -9.54 9.05
C HIS A 248 16.31 -8.04 9.27
N TYR A 249 15.12 -7.56 8.90
CA TYR A 249 14.79 -6.15 9.08
C TYR A 249 14.90 -5.75 10.55
N LYS A 250 14.36 -6.60 11.43
CA LYS A 250 14.40 -6.32 12.87
C LYS A 250 15.85 -6.26 13.36
N GLY A 251 16.67 -7.19 12.87
CA GLY A 251 18.06 -7.25 13.29
C GLY A 251 18.92 -6.08 12.82
N ASN A 252 18.41 -5.32 11.86
CA ASN A 252 19.12 -4.16 11.31
C ASN A 252 18.50 -2.84 11.78
N SER A 253 17.52 -2.92 12.68
CA SER A 253 16.84 -1.72 13.20
C SER A 253 16.18 -0.95 12.04
N ASP A 254 15.68 -1.69 11.06
CA ASP A 254 15.01 -1.08 9.90
C ASP A 254 13.54 -0.77 10.14
N ILE A 255 13.06 0.33 9.56
CA ILE A 255 11.65 0.68 9.67
C ILE A 255 10.97 -0.37 8.78
N ILE A 256 10.01 -1.09 9.35
CA ILE A 256 9.32 -2.15 8.63
C ILE A 256 7.92 -1.79 8.15
N MET A 257 7.70 -1.98 6.85
CA MET A 257 6.38 -1.73 6.26
C MET A 257 5.82 -3.07 5.82
N ASP A 258 4.83 -3.56 6.55
CA ASP A 258 4.16 -4.81 6.22
C ASP A 258 3.02 -4.43 5.28
N GLU A 259 2.83 -5.17 4.19
CA GLU A 259 1.74 -4.86 3.28
C GLU A 259 0.84 -6.07 3.08
N GLN A 260 -0.42 -5.83 2.73
CA GLN A 260 -1.37 -6.89 2.46
C GLN A 260 -2.44 -6.26 1.58
N MET A 261 -2.75 -6.93 0.47
CA MET A 261 -3.73 -6.43 -0.47
C MET A 261 -4.93 -7.38 -0.52
N PRO A 262 -5.92 -7.16 0.36
CA PRO A 262 -7.12 -8.01 0.40
C PRO A 262 -7.89 -7.92 -0.92
N ILE A 263 -8.36 -9.06 -1.40
CA ILE A 263 -9.08 -9.09 -2.67
C ILE A 263 -10.60 -9.09 -2.56
N PHE A 264 -11.21 -8.01 -3.02
CA PHE A 264 -12.67 -7.92 -3.00
C PHE A 264 -13.18 -8.97 -3.97
N GLY A 265 -14.09 -9.83 -3.51
CA GLY A 265 -14.60 -10.87 -4.38
C GLY A 265 -13.68 -12.08 -4.34
N GLY A 266 -12.66 -12.00 -3.49
CA GLY A 266 -11.70 -13.09 -3.34
C GLY A 266 -12.20 -14.13 -2.35
N TYR A 267 -11.26 -14.78 -1.66
CA TYR A 267 -11.63 -15.82 -0.70
C TYR A 267 -12.51 -15.35 0.45
N ALA A 268 -12.38 -14.09 0.85
CA ALA A 268 -13.18 -13.57 1.96
C ALA A 268 -14.64 -13.33 1.58
N GLY A 269 -14.88 -12.89 0.35
CA GLY A 269 -16.23 -12.62 -0.08
C GLY A 269 -16.43 -11.18 -0.53
N GLY A 270 -17.56 -10.59 -0.12
CA GLY A 270 -17.88 -9.23 -0.52
C GLY A 270 -17.23 -8.08 0.24
N ILE A 271 -17.85 -6.91 0.17
CA ILE A 271 -17.32 -5.71 0.81
C ILE A 271 -17.06 -5.82 2.30
N GLU A 272 -18.11 -6.03 3.10
CA GLU A 272 -17.91 -6.13 4.54
C GLU A 272 -16.98 -7.28 4.91
N GLU A 273 -17.14 -8.41 4.22
CA GLU A 273 -16.30 -9.58 4.49
C GLU A 273 -14.81 -9.28 4.24
N THR A 274 -14.53 -8.63 3.13
CA THR A 274 -13.15 -8.31 2.78
C THR A 274 -12.59 -7.25 3.75
N THR A 275 -13.46 -6.39 4.25
CA THR A 275 -13.02 -5.35 5.19
C THR A 275 -12.67 -5.98 6.54
N ILE A 276 -13.38 -7.04 6.91
CA ILE A 276 -13.08 -7.73 8.16
C ILE A 276 -11.67 -8.31 8.04
N VAL A 277 -11.39 -8.90 6.88
CA VAL A 277 -10.07 -9.46 6.63
C VAL A 277 -9.03 -8.33 6.64
N ASP A 278 -9.38 -7.19 6.06
CA ASP A 278 -8.46 -6.06 5.99
C ASP A 278 -8.07 -5.62 7.41
N VAL A 279 -9.07 -5.45 8.28
CA VAL A 279 -8.78 -5.04 9.65
C VAL A 279 -7.91 -6.10 10.32
N ALA A 280 -8.22 -7.38 10.06
CA ALA A 280 -7.44 -8.46 10.64
C ALA A 280 -5.98 -8.42 10.20
N THR A 281 -5.74 -8.07 8.93
CA THR A 281 -4.36 -8.03 8.44
C THR A 281 -3.60 -6.79 8.91
N HIS A 282 -4.33 -5.71 9.24
CA HIS A 282 -3.69 -4.49 9.76
C HIS A 282 -3.13 -4.89 11.12
N ILE A 283 -3.93 -5.63 11.89
CA ILE A 283 -3.51 -6.09 13.21
C ILE A 283 -2.39 -7.12 13.10
N ASN A 284 -2.51 -8.04 12.14
CA ASN A 284 -1.48 -9.06 11.97
C ASN A 284 -0.13 -8.42 11.65
N ALA A 285 -0.15 -7.26 11.00
CA ALA A 285 1.07 -6.55 10.63
C ALA A 285 1.95 -6.23 11.83
N VAL A 286 1.36 -5.71 12.90
CA VAL A 286 2.14 -5.34 14.08
C VAL A 286 2.44 -6.54 14.97
N LEU A 287 1.77 -7.65 14.69
CA LEU A 287 1.94 -8.87 15.46
C LEU A 287 2.99 -9.79 14.83
N MET A 288 2.69 -10.29 13.65
CA MET A 288 3.59 -11.18 12.93
C MET A 288 4.84 -10.52 12.37
N SER A 289 4.68 -9.35 11.78
CA SER A 289 5.79 -8.65 11.13
C SER A 289 6.49 -7.57 11.93
N SER A 290 6.04 -7.31 13.16
CA SER A 290 6.65 -6.25 13.98
C SER A 290 6.68 -4.97 13.17
N ALA A 291 5.67 -4.77 12.32
CA ALA A 291 5.62 -3.59 11.46
C ALA A 291 5.67 -2.24 12.17
N SER A 292 6.29 -1.27 11.50
CA SER A 292 6.36 0.10 11.98
C SER A 292 5.09 0.73 11.43
N TRP A 293 4.70 0.29 10.24
CA TRP A 293 3.47 0.74 9.62
C TRP A 293 2.97 -0.31 8.62
N HIS A 294 1.68 -0.27 8.30
CA HIS A 294 1.08 -1.24 7.40
C HIS A 294 0.55 -0.60 6.13
N LEU A 295 0.84 -1.23 4.99
CA LEU A 295 0.38 -0.73 3.70
C LEU A 295 -0.77 -1.61 3.20
N ASP A 296 -1.95 -1.00 3.08
CA ASP A 296 -3.14 -1.69 2.60
C ASP A 296 -3.16 -1.61 1.08
N GLY A 297 -4.19 -2.18 0.47
CA GLY A 297 -4.31 -2.15 -0.98
C GLY A 297 -5.43 -3.05 -1.44
N PRO A 298 -6.68 -2.80 -1.03
CA PRO A 298 -7.80 -3.65 -1.45
C PRO A 298 -7.89 -3.62 -2.97
N VAL A 299 -7.96 -4.79 -3.59
CA VAL A 299 -8.02 -4.84 -5.05
C VAL A 299 -9.22 -5.65 -5.55
N HIS A 300 -9.80 -5.19 -6.65
CA HIS A 300 -10.97 -5.84 -7.25
C HIS A 300 -10.55 -7.12 -7.96
N ILE A 301 -11.18 -8.24 -7.61
CA ILE A 301 -10.84 -9.52 -8.21
C ILE A 301 -10.88 -9.51 -9.74
N ARG A 302 -11.81 -8.76 -10.31
CA ARG A 302 -11.92 -8.72 -11.76
C ARG A 302 -11.08 -7.62 -12.42
N TRP A 303 -11.20 -6.40 -11.93
CA TRP A 303 -10.50 -5.27 -12.52
C TRP A 303 -9.04 -5.08 -12.10
N GLY A 304 -8.64 -5.68 -10.99
CA GLY A 304 -7.27 -5.57 -10.54
C GLY A 304 -6.85 -4.17 -10.14
N SER A 305 -7.84 -3.35 -9.76
CA SER A 305 -7.59 -1.98 -9.36
C SER A 305 -7.96 -1.75 -7.89
N THR A 306 -7.32 -0.75 -7.29
CA THR A 306 -7.56 -0.41 -5.89
C THR A 306 -8.55 0.75 -5.76
N ASN A 307 -9.00 1.30 -6.88
CA ASN A 307 -9.92 2.43 -6.81
C ASN A 307 -11.34 2.20 -7.34
N THR A 308 -11.84 0.99 -7.21
CA THR A 308 -13.21 0.71 -7.64
C THR A 308 -14.05 1.13 -6.43
N ARG A 309 -15.36 1.26 -6.63
CA ARG A 309 -16.24 1.66 -5.55
C ARG A 309 -16.08 0.76 -4.34
N GLU A 310 -16.03 -0.55 -4.57
CA GLU A 310 -15.91 -1.52 -3.49
C GLU A 310 -14.57 -1.44 -2.76
N THR A 311 -13.47 -1.39 -3.49
CA THR A 311 -12.16 -1.34 -2.86
C THR A 311 -11.92 -0.03 -2.11
N LEU A 312 -12.53 1.06 -2.57
CA LEU A 312 -12.39 2.33 -1.88
C LEU A 312 -13.16 2.26 -0.56
N MET A 313 -14.33 1.63 -0.58
CA MET A 313 -15.13 1.48 0.63
C MET A 313 -14.40 0.60 1.65
N ILE A 314 -13.79 -0.47 1.17
CA ILE A 314 -13.05 -1.38 2.03
C ILE A 314 -11.91 -0.61 2.71
N ALA A 315 -11.15 0.13 1.93
CA ALA A 315 -10.02 0.89 2.48
C ALA A 315 -10.50 1.98 3.44
N GLY A 316 -11.52 2.72 3.05
CA GLY A 316 -12.05 3.77 3.90
C GLY A 316 -12.53 3.29 5.24
N TRP A 317 -13.29 2.20 5.26
CA TRP A 317 -13.78 1.66 6.52
C TRP A 317 -12.67 1.05 7.37
N ALA A 318 -11.78 0.30 6.73
CA ALA A 318 -10.68 -0.32 7.47
C ALA A 318 -9.82 0.74 8.14
N CYS A 319 -9.42 1.75 7.36
CA CYS A 319 -8.57 2.81 7.90
C CYS A 319 -9.25 3.66 8.98
N ALA A 320 -10.49 4.09 8.72
CA ALA A 320 -11.20 4.90 9.71
C ALA A 320 -11.34 4.14 11.02
N THR A 321 -11.58 2.83 10.91
CA THR A 321 -11.75 1.99 12.09
C THR A 321 -10.41 1.78 12.80
N ILE A 322 -9.36 1.51 12.03
CA ILE A 322 -8.03 1.32 12.61
C ILE A 322 -7.58 2.64 13.27
N SER A 323 -7.92 3.76 12.64
CA SER A 323 -7.54 5.07 13.18
C SER A 323 -8.29 5.40 14.46
N GLU A 324 -9.55 4.97 14.53
CA GLU A 324 -10.38 5.24 15.70
C GLU A 324 -10.03 4.40 16.92
N PHE A 325 -9.73 3.12 16.71
CA PHE A 325 -9.45 2.22 17.83
C PHE A 325 -8.01 1.79 18.09
N THR A 326 -7.08 2.22 17.26
CA THR A 326 -5.67 1.87 17.46
C THR A 326 -4.80 3.04 17.02
N ASP A 327 -3.50 2.91 17.28
CA ASP A 327 -2.53 3.93 16.89
C ASP A 327 -1.64 3.38 15.78
N ILE A 328 -2.12 2.34 15.11
CA ILE A 328 -1.35 1.73 14.03
C ILE A 328 -1.20 2.69 12.85
N LEU A 329 0.03 2.96 12.45
CA LEU A 329 0.30 3.85 11.33
C LEU A 329 0.10 3.05 10.06
N SER A 330 -0.46 3.67 9.03
CA SER A 330 -0.71 2.96 7.79
C SER A 330 -0.74 3.81 6.53
N GLY A 331 -0.86 3.12 5.41
CA GLY A 331 -0.92 3.78 4.12
C GLY A 331 -1.71 2.91 3.17
N ASN A 332 -1.88 3.37 1.95
CA ASN A 332 -2.60 2.61 0.93
C ASN A 332 -1.84 2.77 -0.37
N GLN A 333 -1.90 1.76 -1.24
CA GLN A 333 -1.19 1.79 -2.51
C GLN A 333 -2.16 1.95 -3.67
N TYR A 334 -1.67 2.61 -4.72
CA TYR A 334 -2.46 2.96 -5.91
C TYR A 334 -2.27 2.18 -7.19
N TYR A 335 -3.35 1.51 -7.62
CA TYR A 335 -3.34 0.75 -8.86
C TYR A 335 -4.53 1.10 -9.75
N PRO A 336 -4.41 2.17 -10.55
CA PRO A 336 -5.50 2.57 -11.44
C PRO A 336 -5.55 1.64 -12.66
N CYS A 337 -6.68 1.58 -13.33
CA CYS A 337 -6.82 0.75 -14.52
C CYS A 337 -6.14 1.42 -15.71
N ALA A 338 -6.41 2.72 -15.87
CA ALA A 338 -5.87 3.50 -16.98
C ALA A 338 -4.38 3.81 -16.86
N GLY A 339 -3.76 4.06 -18.01
CA GLY A 339 -2.34 4.38 -18.04
C GLY A 339 -2.06 5.86 -17.98
N PRO A 340 -0.78 6.26 -17.88
CA PRO A 340 -0.38 7.67 -17.81
C PRO A 340 -0.85 8.50 -18.99
N CYS A 341 -0.96 9.80 -18.76
CA CYS A 341 -1.37 10.77 -19.76
C CYS A 341 -2.82 10.57 -20.23
N THR A 342 -3.66 10.09 -19.33
CA THR A 342 -5.08 9.91 -19.63
C THR A 342 -5.85 10.54 -18.48
N GLU A 343 -7.02 11.08 -18.79
CA GLU A 343 -7.83 11.70 -17.76
C GLU A 343 -8.33 10.68 -16.74
N MET A 344 -8.71 9.49 -17.22
CA MET A 344 -9.21 8.46 -16.33
C MET A 344 -8.21 8.08 -15.25
N CYS A 345 -6.95 7.87 -15.64
CA CYS A 345 -5.91 7.50 -14.69
C CYS A 345 -5.85 8.51 -13.55
N LEU A 346 -5.82 9.79 -13.89
CA LEU A 346 -5.77 10.84 -12.88
C LEU A 346 -7.02 10.87 -12.00
N LEU A 347 -8.19 10.64 -12.58
CA LEU A 347 -9.42 10.64 -11.81
C LEU A 347 -9.49 9.44 -10.88
N GLU A 348 -8.96 8.31 -11.34
CA GLU A 348 -8.94 7.08 -10.55
C GLU A 348 -8.07 7.27 -9.31
N ALA A 349 -6.86 7.78 -9.53
CA ALA A 349 -5.94 8.01 -8.42
C ALA A 349 -6.50 9.09 -7.50
N SER A 350 -7.18 10.07 -8.07
CA SER A 350 -7.77 11.14 -7.28
C SER A 350 -8.83 10.61 -6.33
N ALA A 351 -9.68 9.71 -6.83
CA ALA A 351 -10.73 9.14 -5.98
C ALA A 351 -10.09 8.43 -4.80
N GLN A 352 -9.01 7.70 -5.04
CA GLN A 352 -8.35 7.00 -3.94
C GLN A 352 -7.66 7.97 -2.99
N SER A 353 -7.07 9.03 -3.52
CA SER A 353 -6.40 10.01 -2.67
C SER A 353 -7.43 10.65 -1.73
N ILE A 354 -8.60 10.97 -2.27
CA ILE A 354 -9.65 11.57 -1.47
C ILE A 354 -10.04 10.60 -0.36
N THR A 355 -10.25 9.34 -0.73
CA THR A 355 -10.64 8.32 0.23
C THR A 355 -9.58 8.09 1.31
N ASP A 356 -8.33 7.92 0.89
CA ASP A 356 -7.24 7.67 1.83
C ASP A 356 -6.99 8.84 2.77
N THR A 357 -7.00 10.05 2.22
CA THR A 357 -6.77 11.24 3.04
C THR A 357 -7.87 11.40 4.09
N ALA A 358 -9.12 11.37 3.66
CA ALA A 358 -10.23 11.54 4.59
C ALA A 358 -10.38 10.41 5.60
N SER A 359 -10.01 9.18 5.21
CA SER A 359 -10.16 8.06 6.12
C SER A 359 -9.06 7.95 7.18
N GLY A 360 -8.02 8.79 7.06
CA GLY A 360 -6.96 8.78 8.06
C GLY A 360 -5.61 8.17 7.74
N ARG A 361 -5.35 7.86 6.47
CA ARG A 361 -4.06 7.27 6.10
C ARG A 361 -2.92 8.24 6.35
N GLU A 362 -1.78 7.71 6.81
CA GLU A 362 -0.62 8.55 7.04
C GLU A 362 0.25 8.65 5.78
N ILE A 363 0.22 7.62 4.96
CA ILE A 363 1.03 7.58 3.74
C ILE A 363 0.27 7.13 2.50
N LEU A 364 0.48 7.83 1.39
CA LEU A 364 -0.15 7.49 0.12
C LEU A 364 1.00 7.01 -0.76
N SER A 365 0.95 5.75 -1.18
CA SER A 365 2.02 5.17 -2.00
C SER A 365 1.52 4.89 -3.42
N GLY A 366 1.91 5.75 -4.37
CA GLY A 366 1.48 5.57 -5.75
C GLY A 366 2.39 6.28 -6.74
N VAL A 367 2.10 6.19 -8.03
CA VAL A 367 0.94 5.49 -8.57
C VAL A 367 1.34 4.40 -9.59
N ALA A 368 0.84 3.18 -9.39
CA ALA A 368 1.13 2.08 -10.29
C ALA A 368 0.12 2.13 -11.44
N SER A 369 0.29 3.12 -12.30
CA SER A 369 -0.61 3.30 -13.43
C SER A 369 -0.61 2.08 -14.35
N ALA A 370 -1.70 1.91 -15.10
CA ALA A 370 -1.84 0.77 -16.00
C ALA A 370 -1.75 -0.52 -15.19
N LYS A 371 -2.26 -0.48 -13.96
CA LYS A 371 -2.27 -1.63 -13.05
C LYS A 371 -0.86 -2.09 -12.69
N GLY A 372 0.12 -1.24 -12.96
CA GLY A 372 1.50 -1.54 -12.64
C GLY A 372 2.13 -2.73 -13.34
N VAL A 373 1.59 -3.13 -14.48
CA VAL A 373 2.13 -4.26 -15.21
C VAL A 373 2.63 -3.92 -16.61
N VAL A 374 2.62 -2.63 -16.95
CA VAL A 374 3.07 -2.22 -18.28
C VAL A 374 4.36 -1.41 -18.19
N THR A 375 5.41 -1.93 -18.81
CA THR A 375 6.71 -1.29 -18.81
C THR A 375 6.72 0.20 -19.11
N ASP A 376 7.38 0.95 -18.23
CA ASP A 376 7.53 2.40 -18.33
C ASP A 376 6.26 3.25 -18.29
N LYS A 377 5.14 2.66 -17.91
CA LYS A 377 3.90 3.43 -17.85
C LYS A 377 3.55 3.97 -16.47
N THR A 378 4.44 4.80 -15.94
CA THR A 378 4.27 5.45 -14.64
C THR A 378 5.11 6.73 -14.69
N THR A 379 4.55 7.85 -14.25
CA THR A 379 5.30 9.11 -14.22
C THR A 379 4.93 9.94 -13.00
N GLY A 380 5.80 10.90 -12.69
CA GLY A 380 5.57 11.77 -11.54
C GLY A 380 4.28 12.57 -11.57
N MET A 381 3.73 12.79 -12.77
CA MET A 381 2.49 13.55 -12.89
C MET A 381 1.35 12.90 -12.10
N GLU A 382 1.29 11.57 -12.07
CA GLU A 382 0.23 10.90 -11.34
C GLU A 382 0.38 11.12 -9.84
N ALA A 383 1.63 11.17 -9.37
CA ALA A 383 1.90 11.40 -7.95
C ALA A 383 1.58 12.86 -7.61
N ARG A 384 1.81 13.76 -8.55
CA ARG A 384 1.51 15.17 -8.32
C ARG A 384 0.02 15.33 -8.06
N MET A 385 -0.81 14.67 -8.87
CA MET A 385 -2.25 14.76 -8.69
C MET A 385 -2.66 14.13 -7.36
N MET A 386 -2.05 12.99 -7.04
CA MET A 386 -2.33 12.30 -5.78
C MET A 386 -2.08 13.27 -4.63
N GLY A 387 -0.96 13.98 -4.69
CA GLY A 387 -0.62 14.93 -3.64
C GLY A 387 -1.52 16.17 -3.59
N GLU A 388 -1.79 16.77 -4.74
CA GLU A 388 -2.63 17.96 -4.74
C GLU A 388 -4.04 17.66 -4.27
N VAL A 389 -4.54 16.49 -4.64
CA VAL A 389 -5.88 16.08 -4.23
C VAL A 389 -5.90 15.80 -2.73
N ALA A 390 -4.80 15.30 -2.18
CA ALA A 390 -4.71 15.03 -0.75
C ALA A 390 -4.83 16.36 0.00
N ARG A 391 -4.15 17.40 -0.48
CA ARG A 391 -4.23 18.70 0.16
C ARG A 391 -5.65 19.24 0.08
N ALA A 392 -6.28 19.10 -1.08
CA ALA A 392 -7.64 19.57 -1.27
C ALA A 392 -8.62 18.87 -0.32
N THR A 393 -8.35 17.60 -0.03
CA THR A 393 -9.22 16.80 0.82
C THR A 393 -9.03 17.01 2.32
N ALA A 394 -7.80 17.30 2.74
CA ALA A 394 -7.51 17.50 4.16
C ALA A 394 -8.46 18.48 4.83
N GLY A 395 -9.04 18.07 5.95
CA GLY A 395 -9.93 18.93 6.71
C GLY A 395 -11.38 19.01 6.25
N VAL A 396 -11.70 18.42 5.11
CA VAL A 396 -13.05 18.47 4.59
C VAL A 396 -13.98 17.54 5.38
N GLU A 397 -15.20 18.01 5.64
CA GLU A 397 -16.20 17.23 6.37
C GLU A 397 -16.42 15.90 5.66
N ILE A 398 -16.47 14.82 6.45
CA ILE A 398 -16.66 13.48 5.90
C ILE A 398 -17.94 13.35 5.09
N SER A 399 -19.03 13.97 5.55
CA SER A 399 -20.29 13.89 4.83
C SER A 399 -20.10 14.42 3.40
N GLU A 400 -19.37 15.52 3.29
CA GLU A 400 -19.10 16.12 1.99
C GLU A 400 -18.19 15.23 1.14
N VAL A 401 -17.21 14.60 1.79
CA VAL A 401 -16.29 13.72 1.09
C VAL A 401 -17.04 12.55 0.47
N ASN A 402 -17.95 11.94 1.25
CA ASN A 402 -18.72 10.81 0.73
C ASN A 402 -19.53 11.20 -0.50
N VAL A 403 -20.07 12.42 -0.50
CA VAL A 403 -20.84 12.88 -1.65
C VAL A 403 -19.94 13.06 -2.86
N ILE A 404 -18.78 13.68 -2.66
CA ILE A 404 -17.83 13.90 -3.74
C ILE A 404 -17.37 12.57 -4.34
N LEU A 405 -17.05 11.62 -3.48
CA LEU A 405 -16.60 10.30 -3.94
C LEU A 405 -17.66 9.59 -4.77
N ASP A 406 -18.90 9.62 -4.32
CA ASP A 406 -19.97 8.98 -5.05
C ASP A 406 -20.07 9.53 -6.48
N LYS A 407 -19.94 10.85 -6.60
CA LYS A 407 -20.01 11.50 -7.91
C LYS A 407 -18.78 11.21 -8.77
N LEU A 408 -17.60 11.26 -8.15
CA LEU A 408 -16.36 11.02 -8.88
C LEU A 408 -16.24 9.59 -9.39
N VAL A 409 -16.47 8.62 -8.53
CA VAL A 409 -16.37 7.23 -8.92
C VAL A 409 -17.36 6.91 -10.04
N SER A 410 -18.53 7.54 -10.03
CA SER A 410 -19.53 7.31 -11.08
C SER A 410 -19.02 7.79 -12.43
N LEU A 411 -18.04 8.69 -12.42
CA LEU A 411 -17.50 9.23 -13.67
C LEU A 411 -16.66 8.22 -14.45
N TYR A 412 -16.13 7.21 -13.79
CA TYR A 412 -15.30 6.24 -14.48
C TYR A 412 -15.62 4.75 -14.25
N GLU A 413 -16.43 4.46 -13.24
CA GLU A 413 -16.73 3.06 -12.92
C GLU A 413 -17.45 2.23 -13.98
N LYS A 414 -17.91 2.87 -15.06
CA LYS A 414 -18.57 2.13 -16.13
C LYS A 414 -17.60 1.89 -17.28
N ASN A 415 -16.36 2.35 -17.12
CA ASN A 415 -15.35 2.24 -18.16
C ASN A 415 -14.13 1.40 -17.81
N TYR A 416 -14.23 0.54 -16.80
CA TYR A 416 -13.09 -0.29 -16.43
C TYR A 416 -12.59 -1.16 -17.58
N ALA A 417 -13.50 -1.83 -18.27
CA ALA A 417 -13.14 -2.69 -19.38
C ALA A 417 -12.53 -1.93 -20.56
N SER A 418 -12.87 -0.64 -20.68
CA SER A 418 -12.34 0.17 -21.77
C SER A 418 -11.37 1.24 -21.31
N ALA A 419 -10.78 1.05 -20.13
CA ALA A 419 -9.84 2.02 -19.60
C ALA A 419 -8.72 2.23 -20.61
N PRO A 420 -8.40 3.50 -20.93
CA PRO A 420 -7.33 3.81 -21.89
C PRO A 420 -5.96 3.30 -21.47
N ALA A 421 -5.23 2.74 -22.42
CA ALA A 421 -3.90 2.19 -22.17
C ALA A 421 -2.89 3.24 -21.72
N GLY A 422 -3.08 4.47 -22.18
CA GLY A 422 -2.17 5.53 -21.79
C GLY A 422 -0.83 5.42 -22.50
N LYS A 423 0.12 6.22 -22.06
CA LYS A 423 1.43 6.24 -22.68
C LYS A 423 2.56 6.00 -21.70
N THR A 424 3.75 5.76 -22.25
CA THR A 424 4.93 5.52 -21.44
C THR A 424 5.57 6.85 -21.06
N PHE A 425 6.50 6.78 -20.12
CA PHE A 425 7.24 7.95 -19.65
C PHE A 425 7.90 8.63 -20.85
N GLN A 426 8.47 7.82 -21.74
CA GLN A 426 9.16 8.35 -22.92
C GLN A 426 8.22 9.08 -23.88
N GLU A 427 6.94 8.76 -23.84
CA GLU A 427 5.97 9.37 -24.74
C GLU A 427 5.31 10.64 -24.19
N CYS A 428 5.18 10.75 -22.88
CA CYS A 428 4.55 11.94 -22.31
C CYS A 428 5.44 12.84 -21.48
N TYR A 429 6.75 12.60 -21.57
CA TYR A 429 7.75 13.40 -20.89
C TYR A 429 8.90 13.63 -21.86
N ASP A 430 9.64 14.72 -21.63
CA ASP A 430 10.83 15.02 -22.40
C ASP A 430 11.85 14.30 -21.53
N VAL A 431 12.30 13.12 -21.96
CA VAL A 431 13.24 12.33 -21.18
C VAL A 431 14.53 13.05 -20.79
N LYS A 432 15.03 13.91 -21.68
CA LYS A 432 16.28 14.62 -21.41
C LYS A 432 16.22 15.57 -20.23
N THR A 433 15.14 16.37 -20.15
CA THR A 433 14.99 17.33 -19.06
C THR A 433 14.06 16.80 -17.96
N VAL A 434 13.51 15.62 -18.17
CA VAL A 434 12.60 15.00 -17.22
C VAL A 434 11.43 15.92 -16.88
N THR A 435 10.77 16.43 -17.92
CA THR A 435 9.62 17.30 -17.73
C THR A 435 8.45 16.81 -18.57
N PRO A 436 7.22 16.96 -18.05
CA PRO A 436 6.03 16.51 -18.79
C PRO A 436 5.80 17.31 -20.08
N THR A 437 5.16 16.67 -21.05
CA THR A 437 4.87 17.32 -22.32
C THR A 437 3.65 18.20 -22.15
N GLU A 438 3.44 19.10 -23.11
CA GLU A 438 2.28 19.98 -23.08
C GLU A 438 1.03 19.12 -23.13
N GLU A 439 1.12 18.00 -23.83
CA GLU A 439 0.00 17.07 -23.95
C GLU A 439 -0.46 16.64 -22.56
N TYR A 440 0.49 16.19 -21.73
CA TYR A 440 0.15 15.74 -20.39
C TYR A 440 -0.38 16.88 -19.52
N MET A 441 0.25 18.05 -19.62
CA MET A 441 -0.18 19.18 -18.82
C MET A 441 -1.62 19.55 -19.13
N GLN A 442 -2.02 19.41 -20.39
CA GLN A 442 -3.39 19.71 -20.80
C GLN A 442 -4.36 18.66 -20.25
N VAL A 443 -3.94 17.39 -20.30
CA VAL A 443 -4.76 16.30 -19.78
C VAL A 443 -4.96 16.52 -18.28
N TYR A 444 -3.88 16.89 -17.61
CA TYR A 444 -3.89 17.14 -16.17
C TYR A 444 -4.91 18.23 -15.84
N ASP A 445 -4.87 19.34 -16.58
CA ASP A 445 -5.80 20.44 -16.35
C ASP A 445 -7.26 19.97 -16.51
N GLY A 446 -7.51 19.15 -17.52
CA GLY A 446 -8.86 18.65 -17.75
C GLY A 446 -9.38 17.88 -16.56
N ALA A 447 -8.54 17.02 -16.00
CA ALA A 447 -8.94 16.21 -14.85
C ALA A 447 -9.17 17.10 -13.64
N ARG A 448 -8.27 18.07 -13.44
CA ARG A 448 -8.37 18.99 -12.32
C ARG A 448 -9.67 19.78 -12.38
N LYS A 449 -10.04 20.22 -13.58
CA LYS A 449 -11.27 21.00 -13.75
C LYS A 449 -12.50 20.18 -13.35
N LYS A 450 -12.52 18.91 -13.73
CA LYS A 450 -13.64 18.06 -13.38
C LYS A 450 -13.72 17.86 -11.88
N LEU A 451 -12.57 17.76 -11.22
CA LEU A 451 -12.55 17.59 -9.78
C LEU A 451 -13.08 18.85 -9.10
N GLU A 452 -12.77 20.01 -9.67
CA GLU A 452 -13.24 21.26 -9.10
C GLU A 452 -14.76 21.38 -9.27
N ASP A 453 -15.26 20.91 -10.41
CA ASP A 453 -16.70 20.96 -10.65
C ASP A 453 -17.45 20.11 -9.64
N LEU A 454 -16.77 19.09 -9.09
CA LEU A 454 -17.38 18.22 -8.10
C LEU A 454 -17.35 18.81 -6.70
N GLY A 455 -16.57 19.87 -6.51
CA GLY A 455 -16.51 20.49 -5.20
C GLY A 455 -15.14 20.58 -4.56
N LEU A 456 -14.14 19.92 -5.13
CA LEU A 456 -12.80 19.98 -4.56
C LEU A 456 -12.19 21.35 -4.77
N VAL A 457 -11.50 21.86 -3.75
CA VAL A 457 -10.85 23.15 -3.83
C VAL A 457 -9.35 22.93 -3.67
N PHE A 458 -8.61 23.20 -4.74
CA PHE A 458 -7.16 23.02 -4.76
C PHE A 458 -6.40 24.18 -4.14
N NH4 B . 1.61 -4.60 -4.29
#